data_4EOG
#
_entry.id   4EOG
#
_cell.length_a   51.820
_cell.length_b   179.530
_cell.length_c   110.590
_cell.angle_alpha   90.00
_cell.angle_beta   90.00
_cell.angle_gamma   90.00
#
_symmetry.space_group_name_H-M   'C 2 2 21'
#
loop_
_entity.id
_entity.type
_entity.pdbx_description
1 polymer 'Putative uncharacterized protein'
2 non-polymer 'ZINC ION'
3 non-polymer 'SULFATE ION'
4 water water
#
_entity_poly.entity_id   1
_entity_poly.type   'polypeptide(L)'
_entity_poly.pdbx_seq_one_letter_code
;(MSE)G(MSE)RVLVTTWGNPFQWEPITYEYRGIKVKSRNTLPILVKTLEPERILILVADT(MSE)ANYYDSGKNKPEIE
EKSFSSYSEVVEDTKERILWHIKEEVIEELREEDPELAKKIEN(MSE)LKDERITIEVLPGVGVFGNITVEGE(MSE)LD
FYYYATYKLAEWLPVQNNLEVYLDLTHGINF(MSE)PTFTYRALRNLLGLLAYLYNVKFEIVNSEPYPLGVSQEIREDTI
LHIREIGEGVVRPRPQYSPVEGKLYWNAFISSVANGFPLVFASFYPNIRDVEDYLNKKLEEFLVGIEVGEREDGKPYVKR
EKALDRSFKNASKLYYALRVFNTKFQNYPKKEVPIEEI(MSE)EISKIFESLPRIGIILERQVEWLRNLVYGRLWYENGE
QKIKKGLLEIIKDKKDKRKEAEALKKGKTISLAEAAKLTRIFSPSGERIETIESPNVVRNFIAHSGFEYNIVYVKYDRLS
DRLYFFYKDKEKAANLAYEALLYRGEKE
;
_entity_poly.pdbx_strand_id   A
#
loop_
_chem_comp.id
_chem_comp.type
_chem_comp.name
_chem_comp.formula
SO4 non-polymer 'SULFATE ION' 'O4 S -2'
ZN non-polymer 'ZINC ION' 'Zn 2'
#
# COMPACT_ATOMS: atom_id res chain seq x y z
N MSE A 3 14.85 -4.27 7.51
CA MSE A 3 14.55 -3.04 8.28
C MSE A 3 13.33 -3.21 9.20
O MSE A 3 12.42 -3.98 8.89
CB MSE A 3 14.30 -1.88 7.32
CG MSE A 3 14.09 -0.54 8.00
SE MSE A 3 13.90 0.93 6.74
CE MSE A 3 15.73 1.60 6.79
N ARG A 4 13.34 -2.49 10.30
CA ARG A 4 12.26 -2.56 11.29
C ARG A 4 11.65 -1.17 11.54
N VAL A 5 10.35 -1.03 11.26
CA VAL A 5 9.67 0.24 11.47
C VAL A 5 8.47 0.06 12.39
N LEU A 6 8.15 1.12 13.12
CA LEU A 6 7.04 1.10 14.05
C LEU A 6 6.03 2.21 13.74
N VAL A 7 4.76 1.84 13.75
CA VAL A 7 3.68 2.78 13.52
C VAL A 7 2.88 2.68 14.81
N THR A 8 2.52 3.83 15.38
CA THR A 8 1.78 3.83 16.64
C THR A 8 0.72 4.94 16.71
N THR A 9 -0.53 4.56 17.00
CA THR A 9 -1.63 5.50 17.09
C THR A 9 -1.72 6.05 18.51
N TRP A 10 -1.91 7.36 18.62
CA TRP A 10 -2.01 8.02 19.91
C TRP A 10 -3.30 8.81 20.03
N GLY A 11 -3.85 8.84 21.24
CA GLY A 11 -5.06 9.59 21.50
C GLY A 11 -4.66 10.89 22.17
N ASN A 12 -4.86 10.99 23.48
CA ASN A 12 -4.50 12.18 24.25
C ASN A 12 -3.45 11.77 25.30
N PRO A 13 -2.16 12.04 25.01
CA PRO A 13 -1.02 11.72 25.87
C PRO A 13 -1.02 12.39 27.23
N PHE A 14 -1.72 13.51 27.33
CA PHE A 14 -1.77 14.27 28.56
C PHE A 14 -2.80 13.76 29.55
N GLN A 15 -3.30 12.57 29.29
CA GLN A 15 -4.28 11.94 30.17
C GLN A 15 -3.70 10.66 30.75
N TRP A 16 -2.54 10.24 30.23
CA TRP A 16 -1.89 9.01 30.69
C TRP A 16 -0.94 9.23 31.87
N GLU A 17 -1.02 8.35 32.86
CA GLU A 17 -0.16 8.42 34.05
C GLU A 17 0.96 7.38 33.94
N PRO A 18 2.08 7.61 34.64
CA PRO A 18 3.19 6.65 34.59
C PRO A 18 2.81 5.25 35.06
N ILE A 19 3.30 4.24 34.35
CA ILE A 19 3.00 2.85 34.67
C ILE A 19 4.15 2.02 34.09
N THR A 20 4.38 0.82 34.63
CA THR A 20 5.46 -0.05 34.14
C THR A 20 5.01 -0.98 33.02
N TYR A 21 5.75 -1.01 31.92
CA TYR A 21 5.40 -1.86 30.78
C TYR A 21 6.42 -2.98 30.63
N GLU A 22 5.91 -4.19 30.42
CA GLU A 22 6.76 -5.36 30.24
C GLU A 22 6.60 -5.79 28.80
N TYR A 23 7.64 -6.36 28.21
CA TYR A 23 7.60 -6.82 26.83
C TYR A 23 8.89 -7.58 26.50
N ARG A 24 8.73 -8.83 26.07
CA ARG A 24 9.83 -9.71 25.74
C ARG A 24 10.90 -9.68 26.85
N GLY A 25 10.48 -9.90 28.09
CA GLY A 25 11.41 -9.91 29.21
C GLY A 25 11.89 -8.56 29.72
N ILE A 26 11.71 -7.52 28.92
CA ILE A 26 12.12 -6.16 29.28
C ILE A 26 10.99 -5.37 29.96
N LYS A 27 11.34 -4.55 30.96
CA LYS A 27 10.38 -3.73 31.68
C LYS A 27 10.82 -2.27 31.81
N VAL A 28 10.07 -1.37 31.18
CA VAL A 28 10.36 0.06 31.20
C VAL A 28 9.12 0.83 31.64
N LYS A 29 9.29 1.75 32.59
CA LYS A 29 8.20 2.56 33.10
C LYS A 29 8.09 3.89 32.38
N SER A 30 6.87 4.30 32.05
CA SER A 30 6.62 5.54 31.34
C SER A 30 5.11 5.76 31.27
N ARG A 31 4.71 6.85 30.64
CA ARG A 31 3.30 7.17 30.48
C ARG A 31 2.89 6.63 29.11
N ASN A 32 3.90 6.48 28.25
CA ASN A 32 3.78 6.06 26.87
C ASN A 32 4.39 4.67 26.66
N THR A 33 3.98 3.97 25.61
CA THR A 33 4.54 2.66 25.31
C THR A 33 5.83 2.83 24.48
N LEU A 34 5.94 3.96 23.81
CA LEU A 34 7.10 4.24 22.96
C LEU A 34 8.44 3.82 23.57
N PRO A 35 8.71 4.17 24.84
CA PRO A 35 10.01 3.74 25.36
C PRO A 35 10.23 2.23 25.30
N ILE A 36 9.31 1.46 25.88
CA ILE A 36 9.45 0.01 25.89
C ILE A 36 9.57 -0.56 24.48
N LEU A 37 8.83 0.02 23.53
CA LEU A 37 8.87 -0.44 22.14
C LEU A 37 10.19 -0.10 21.44
N VAL A 38 10.75 1.08 21.74
CA VAL A 38 12.01 1.50 21.15
C VAL A 38 13.13 0.67 21.77
N LYS A 39 13.05 0.43 23.07
CA LYS A 39 14.08 -0.33 23.74
C LYS A 39 14.11 -1.80 23.36
N THR A 40 12.94 -2.40 23.18
CA THR A 40 12.87 -3.81 22.84
C THR A 40 13.09 -4.08 21.36
N LEU A 41 12.50 -3.24 20.53
CA LEU A 41 12.55 -3.38 19.08
C LEU A 41 13.65 -2.66 18.33
N GLU A 42 14.11 -1.53 18.86
CA GLU A 42 15.14 -0.75 18.19
C GLU A 42 14.79 -0.45 16.72
N PRO A 43 13.61 0.15 16.47
CA PRO A 43 13.14 0.50 15.13
C PRO A 43 14.08 1.50 14.45
N GLU A 44 14.14 1.44 13.13
CA GLU A 44 14.96 2.36 12.36
C GLU A 44 14.13 3.59 12.03
N ARG A 45 12.83 3.47 12.22
CA ARG A 45 11.89 4.57 11.95
C ARG A 45 10.65 4.44 12.84
N ILE A 46 9.94 5.54 13.02
CA ILE A 46 8.74 5.56 13.83
C ILE A 46 7.76 6.63 13.34
N LEU A 47 6.55 6.20 12.98
CA LEU A 47 5.51 7.12 12.53
C LEU A 47 4.51 7.17 13.67
N ILE A 48 4.17 8.38 14.10
CA ILE A 48 3.21 8.57 15.18
C ILE A 48 1.96 9.19 14.56
N LEU A 49 0.82 8.51 14.69
CA LEU A 49 -0.43 9.01 14.14
C LEU A 49 -1.31 9.57 15.24
N VAL A 50 -1.71 10.82 15.08
CA VAL A 50 -2.54 11.51 16.05
C VAL A 50 -3.70 12.14 15.28
N ALA A 51 -4.68 12.70 15.98
CA ALA A 51 -5.82 13.34 15.30
C ALA A 51 -5.86 14.82 15.62
N ASP A 52 -6.40 15.62 14.71
CA ASP A 52 -6.50 17.06 14.94
C ASP A 52 -7.32 17.38 16.16
N THR A 53 -7.96 16.38 16.77
CA THR A 53 -8.76 16.58 17.98
C THR A 53 -7.84 16.86 19.17
N MSE A 54 -6.55 16.87 18.90
CA MSE A 54 -5.56 17.12 19.93
C MSE A 54 -5.20 18.60 19.94
O MSE A 54 -4.67 19.12 20.92
CB MSE A 54 -4.30 16.31 19.67
CG MSE A 54 -4.27 14.99 20.42
SE MSE A 54 -4.61 15.32 22.28
CE MSE A 54 -2.90 16.07 22.78
N ALA A 55 -5.51 19.26 18.83
CA ALA A 55 -5.25 20.69 18.68
C ALA A 55 -5.78 21.51 19.87
N ASN A 56 -4.99 22.48 20.30
CA ASN A 56 -5.37 23.37 21.37
C ASN A 56 -5.52 22.75 22.76
N TYR A 57 -5.15 21.49 22.94
CA TYR A 57 -5.29 20.85 24.25
C TYR A 57 -4.47 21.50 25.35
N TYR A 58 -5.08 21.65 26.53
CA TYR A 58 -4.42 22.25 27.68
C TYR A 58 -5.08 21.92 29.03
N ASP A 59 -4.29 21.36 29.93
CA ASP A 59 -4.73 20.98 31.27
C ASP A 59 -4.34 22.11 32.23
N SER A 60 -5.34 22.80 32.75
CA SER A 60 -5.11 23.91 33.66
C SER A 60 -4.52 23.53 35.03
N GLY A 61 -4.88 22.35 35.54
CA GLY A 61 -4.38 21.91 36.83
C GLY A 61 -2.96 21.39 36.81
N LYS A 62 -2.55 20.80 35.69
CA LYS A 62 -1.20 20.26 35.55
C LYS A 62 -0.34 21.20 34.73
N ASN A 63 -0.96 22.28 34.27
CA ASN A 63 -0.29 23.28 33.44
C ASN A 63 0.56 22.60 32.38
N LYS A 64 -0.11 21.79 31.56
CA LYS A 64 0.55 21.08 30.48
C LYS A 64 -0.46 20.77 29.38
N PRO A 65 -0.03 20.85 28.11
CA PRO A 65 1.35 21.22 27.80
C PRO A 65 1.57 22.71 28.03
N GLU A 66 2.84 23.13 28.08
CA GLU A 66 3.18 24.52 28.30
C GLU A 66 3.20 25.27 26.97
N ILE A 67 2.01 25.41 26.39
CA ILE A 67 1.79 26.09 25.13
C ILE A 67 0.43 26.76 25.33
N GLU A 68 0.29 28.01 24.91
CA GLU A 68 -0.97 28.73 25.07
C GLU A 68 -2.07 28.20 24.16
N GLU A 69 -3.31 28.45 24.57
CA GLU A 69 -4.47 28.09 23.77
C GLU A 69 -4.42 29.20 22.74
N LYS A 70 -4.83 28.92 21.50
CA LYS A 70 -4.76 29.93 20.46
C LYS A 70 -6.07 30.10 19.73
N SER A 71 -6.04 30.95 18.69
CA SER A 71 -7.19 31.17 17.84
C SER A 71 -6.66 30.77 16.45
N PHE A 72 -7.38 29.89 15.78
CA PHE A 72 -6.96 29.41 14.48
C PHE A 72 -7.79 30.01 13.33
N SER A 73 -7.21 30.10 12.14
CA SER A 73 -7.93 30.65 10.98
C SER A 73 -7.83 29.71 9.78
N SER A 74 -6.88 28.79 9.82
CA SER A 74 -6.68 27.82 8.74
C SER A 74 -6.38 26.45 9.33
N TYR A 75 -6.82 25.40 8.65
CA TYR A 75 -6.57 24.04 9.11
C TYR A 75 -5.06 23.83 9.16
N SER A 76 -4.33 24.64 8.41
CA SER A 76 -2.88 24.54 8.35
C SER A 76 -2.22 24.80 9.72
N GLU A 77 -2.76 25.75 10.48
CA GLU A 77 -2.25 26.09 11.80
C GLU A 77 -2.65 24.97 12.76
N VAL A 78 -3.91 24.57 12.69
CA VAL A 78 -4.47 23.52 13.53
C VAL A 78 -3.58 22.29 13.53
N VAL A 79 -3.12 21.90 12.34
CA VAL A 79 -2.26 20.73 12.19
C VAL A 79 -0.90 20.94 12.82
N GLU A 80 -0.27 22.07 12.53
CA GLU A 80 1.04 22.34 13.11
C GLU A 80 0.96 22.51 14.62
N ASP A 81 -0.14 23.07 15.13
CA ASP A 81 -0.23 23.22 16.58
C ASP A 81 -0.35 21.86 17.27
N THR A 82 -1.11 20.94 16.69
CA THR A 82 -1.29 19.62 17.31
C THR A 82 0.05 18.95 17.45
N LYS A 83 0.83 19.01 16.39
CA LYS A 83 2.16 18.43 16.35
C LYS A 83 3.01 18.99 17.47
N GLU A 84 2.98 20.31 17.62
CA GLU A 84 3.74 21.00 18.67
C GLU A 84 3.49 20.39 20.06
N ARG A 85 2.22 20.22 20.41
CA ARG A 85 1.85 19.65 21.70
C ARG A 85 2.29 18.18 21.87
N ILE A 86 2.10 17.38 20.83
CA ILE A 86 2.50 15.97 20.91
C ILE A 86 4.02 15.92 20.99
N LEU A 87 4.68 16.83 20.27
CA LEU A 87 6.13 16.89 20.29
C LEU A 87 6.56 17.21 21.70
N TRP A 88 5.80 18.09 22.36
CA TRP A 88 6.08 18.51 23.73
C TRP A 88 6.00 17.33 24.70
N HIS A 89 4.91 16.59 24.64
CA HIS A 89 4.76 15.44 25.53
C HIS A 89 5.98 14.51 25.40
N ILE A 90 6.51 14.39 24.19
CA ILE A 90 7.66 13.53 23.91
C ILE A 90 8.97 14.02 24.50
N LYS A 91 9.19 15.33 24.41
CA LYS A 91 10.40 15.93 24.92
C LYS A 91 10.32 16.23 26.40
N GLU A 92 9.28 16.95 26.82
CA GLU A 92 9.10 17.32 28.21
C GLU A 92 8.52 16.27 29.16
N GLU A 93 8.17 15.09 28.66
CA GLU A 93 7.62 14.06 29.53
C GLU A 93 8.21 12.67 29.29
N VAL A 94 8.07 12.18 28.07
CA VAL A 94 8.56 10.87 27.73
C VAL A 94 10.05 10.74 27.99
N ILE A 95 10.82 11.64 27.37
CA ILE A 95 12.26 11.66 27.51
C ILE A 95 12.66 12.14 28.89
N GLU A 96 12.07 13.25 29.33
CA GLU A 96 12.35 13.84 30.63
C GLU A 96 12.30 12.81 31.75
N GLU A 97 11.16 12.15 31.88
CA GLU A 97 10.96 11.15 32.92
C GLU A 97 11.79 9.88 32.77
N LEU A 98 12.40 9.70 31.60
CA LEU A 98 13.25 8.53 31.37
C LEU A 98 14.64 8.75 31.94
N ARG A 99 15.01 10.03 32.12
CA ARG A 99 16.31 10.40 32.65
C ARG A 99 16.56 9.79 34.04
N GLU A 100 15.48 9.38 34.71
CA GLU A 100 15.56 8.80 36.04
C GLU A 100 15.20 7.30 36.06
N GLU A 101 14.97 6.73 34.88
CA GLU A 101 14.61 5.32 34.78
C GLU A 101 15.55 4.54 33.85
N ASP A 102 15.96 5.18 32.76
CA ASP A 102 16.84 4.54 31.78
C ASP A 102 17.47 5.66 30.93
N PRO A 103 18.38 6.43 31.53
CA PRO A 103 19.07 7.55 30.88
C PRO A 103 19.63 7.29 29.48
N GLU A 104 19.99 6.05 29.19
CA GLU A 104 20.54 5.75 27.87
C GLU A 104 19.42 5.78 26.83
N LEU A 105 18.25 5.31 27.23
CA LEU A 105 17.07 5.25 26.36
C LEU A 105 16.62 6.66 25.98
N ALA A 106 16.64 7.55 26.97
CA ALA A 106 16.24 8.93 26.75
C ALA A 106 17.12 9.56 25.66
N LYS A 107 18.43 9.31 25.74
CA LYS A 107 19.35 9.85 24.75
C LYS A 107 19.06 9.22 23.38
N LYS A 108 18.71 7.93 23.38
CA LYS A 108 18.40 7.22 22.15
C LYS A 108 17.13 7.79 21.49
N ILE A 109 16.12 8.10 22.30
CA ILE A 109 14.87 8.67 21.78
C ILE A 109 15.15 10.12 21.41
N GLU A 110 16.04 10.73 22.19
CA GLU A 110 16.42 12.12 21.99
C GLU A 110 17.12 12.24 20.64
N ASN A 111 18.02 11.31 20.35
CA ASN A 111 18.75 11.31 19.08
C ASN A 111 17.88 10.94 17.89
N MSE A 112 16.99 9.96 18.06
CA MSE A 112 16.08 9.54 16.99
C MSE A 112 15.19 10.70 16.60
O MSE A 112 14.73 10.80 15.46
CB MSE A 112 15.19 8.39 17.45
CG MSE A 112 15.81 7.01 17.48
SE MSE A 112 14.40 5.68 17.75
CE MSE A 112 13.95 5.37 15.88
N LEU A 113 14.93 11.57 17.57
CA LEU A 113 14.09 12.72 17.35
C LEU A 113 14.90 13.78 16.60
N LYS A 114 16.22 13.71 16.74
CA LYS A 114 17.11 14.65 16.05
C LYS A 114 17.07 14.26 14.57
N ASP A 115 17.47 13.03 14.28
CA ASP A 115 17.42 12.53 12.92
C ASP A 115 15.95 12.55 12.54
N GLU A 116 15.60 12.08 11.35
CA GLU A 116 14.21 12.08 10.95
C GLU A 116 13.65 10.68 11.16
N ARG A 117 14.15 10.02 12.20
CA ARG A 117 13.75 8.64 12.52
C ARG A 117 12.30 8.55 12.92
N ILE A 118 11.84 9.53 13.68
CA ILE A 118 10.47 9.55 14.13
C ILE A 118 9.76 10.77 13.59
N THR A 119 8.55 10.55 13.07
CA THR A 119 7.75 11.61 12.51
C THR A 119 6.34 11.50 13.05
N ILE A 120 5.71 12.65 13.27
CA ILE A 120 4.34 12.76 13.78
C ILE A 120 3.47 13.22 12.62
N GLU A 121 2.30 12.62 12.46
CA GLU A 121 1.41 13.05 11.38
C GLU A 121 0.04 13.32 11.97
N VAL A 122 -0.62 14.37 11.52
CA VAL A 122 -1.93 14.71 12.04
C VAL A 122 -2.99 14.30 11.04
N LEU A 123 -3.95 13.53 11.51
CA LEU A 123 -5.03 13.03 10.69
C LEU A 123 -6.36 13.65 11.09
N PRO A 124 -7.32 13.74 10.16
CA PRO A 124 -8.65 14.31 10.42
C PRO A 124 -9.39 13.44 11.42
N GLY A 125 -9.83 14.03 12.51
CA GLY A 125 -10.56 13.25 13.49
C GLY A 125 -12.00 13.68 13.62
N VAL A 126 -12.67 13.15 14.64
CA VAL A 126 -14.06 13.51 14.90
C VAL A 126 -14.19 13.58 16.40
N GLY A 127 -14.91 14.60 16.86
CA GLY A 127 -15.11 14.73 18.29
C GLY A 127 -15.32 16.13 18.82
N VAL A 128 -16.16 16.21 19.84
CA VAL A 128 -16.45 17.47 20.51
C VAL A 128 -15.74 17.33 21.84
N PHE A 129 -14.68 18.09 22.04
CA PHE A 129 -13.92 18.03 23.29
C PHE A 129 -13.84 19.39 23.98
N GLY A 130 -13.32 19.41 25.20
CA GLY A 130 -13.22 20.67 25.91
C GLY A 130 -12.22 21.63 25.30
N ASN A 131 -11.30 21.10 24.50
CA ASN A 131 -10.27 21.93 23.89
C ASN A 131 -10.55 22.31 22.45
N ILE A 132 -11.43 21.57 21.78
CA ILE A 132 -11.75 21.84 20.38
C ILE A 132 -12.89 20.97 19.91
N THR A 133 -13.57 21.38 18.84
CA THR A 133 -14.64 20.56 18.28
C THR A 133 -14.26 20.29 16.83
N VAL A 134 -14.28 19.02 16.42
CA VAL A 134 -13.97 18.69 15.05
C VAL A 134 -15.14 17.96 14.39
N GLU A 135 -15.71 18.58 13.36
CA GLU A 135 -16.83 18.01 12.64
C GLU A 135 -16.40 17.56 11.23
N GLY A 136 -16.88 16.40 10.81
CA GLY A 136 -16.54 15.89 9.49
C GLY A 136 -16.89 14.42 9.37
N GLU A 137 -16.57 13.81 8.24
CA GLU A 137 -16.83 12.39 8.03
C GLU A 137 -15.74 11.58 8.72
N MSE A 138 -16.15 10.47 9.30
CA MSE A 138 -15.24 9.60 10.02
C MSE A 138 -14.31 8.87 9.08
O MSE A 138 -13.13 8.66 9.40
CB MSE A 138 -16.05 8.60 10.83
CG MSE A 138 -15.23 7.76 11.76
SE MSE A 138 -16.44 6.67 12.77
CE MSE A 138 -17.17 8.02 13.97
N LEU A 139 -14.83 8.49 7.91
CA LEU A 139 -14.02 7.78 6.94
C LEU A 139 -12.80 8.57 6.49
N ASP A 140 -12.85 9.89 6.63
CA ASP A 140 -11.74 10.73 6.24
C ASP A 140 -10.46 10.29 6.92
N PHE A 141 -10.57 9.90 8.18
CA PHE A 141 -9.39 9.46 8.91
C PHE A 141 -8.82 8.24 8.19
N TYR A 142 -9.68 7.27 7.91
CA TYR A 142 -9.28 6.06 7.22
C TYR A 142 -8.64 6.31 5.83
N TYR A 143 -9.32 7.05 4.96
CA TYR A 143 -8.82 7.32 3.62
C TYR A 143 -7.51 8.08 3.62
N TYR A 144 -7.41 9.08 4.48
CA TYR A 144 -6.20 9.88 4.59
C TYR A 144 -5.09 8.99 5.18
N ALA A 145 -5.48 8.10 6.09
CA ALA A 145 -4.52 7.19 6.74
C ALA A 145 -3.81 6.36 5.69
N THR A 146 -4.59 5.85 4.74
CA THR A 146 -4.09 5.01 3.67
C THR A 146 -3.12 5.82 2.81
N TYR A 147 -3.42 7.11 2.66
CA TYR A 147 -2.57 8.00 1.88
C TYR A 147 -1.24 8.20 2.61
N LYS A 148 -1.32 8.56 3.88
CA LYS A 148 -0.13 8.80 4.71
C LYS A 148 0.82 7.62 4.78
N LEU A 149 0.24 6.43 4.95
CA LEU A 149 1.05 5.24 5.00
C LEU A 149 1.64 5.00 3.60
N ALA A 150 0.89 5.37 2.56
CA ALA A 150 1.34 5.21 1.19
C ALA A 150 2.62 6.01 0.93
N GLU A 151 2.78 7.15 1.60
CA GLU A 151 3.95 8.02 1.44
C GLU A 151 5.12 7.60 2.32
N TRP A 152 4.83 7.42 3.61
CA TRP A 152 5.86 7.07 4.59
C TRP A 152 6.49 5.69 4.50
N LEU A 153 5.62 4.69 4.39
CA LEU A 153 6.02 3.29 4.34
C LEU A 153 7.18 2.96 3.40
N PRO A 154 8.20 2.24 3.89
CA PRO A 154 9.35 1.86 3.07
C PRO A 154 9.01 0.83 1.99
N VAL A 155 9.95 0.64 1.07
CA VAL A 155 9.81 -0.34 -0.01
C VAL A 155 11.13 -1.11 -0.04
N GLN A 156 11.15 -2.23 0.69
CA GLN A 156 12.34 -3.07 0.79
C GLN A 156 12.05 -4.51 1.16
N ASN A 157 13.04 -5.37 0.96
CA ASN A 157 12.87 -6.77 1.28
C ASN A 157 13.20 -7.05 2.73
N ASN A 158 12.36 -7.85 3.37
CA ASN A 158 12.52 -8.22 4.77
C ASN A 158 12.15 -7.07 5.71
N LEU A 159 11.05 -6.39 5.36
CA LEU A 159 10.55 -5.28 6.14
C LEU A 159 9.68 -5.82 7.27
N GLU A 160 9.90 -5.30 8.47
CA GLU A 160 9.12 -5.71 9.64
C GLU A 160 8.33 -4.52 10.19
N VAL A 161 7.02 -4.52 9.95
CA VAL A 161 6.16 -3.43 10.41
C VAL A 161 5.44 -3.80 11.70
N TYR A 162 5.72 -3.05 12.76
CA TYR A 162 5.07 -3.25 14.04
C TYR A 162 4.02 -2.15 14.17
N LEU A 163 2.79 -2.52 14.45
CA LEU A 163 1.72 -1.53 14.60
C LEU A 163 1.22 -1.55 16.03
N ASP A 164 1.47 -0.47 16.77
CA ASP A 164 1.04 -0.36 18.16
C ASP A 164 -0.27 0.40 18.21
N LEU A 165 -1.31 -0.31 18.64
CA LEU A 165 -2.66 0.25 18.75
C LEU A 165 -3.00 0.63 20.18
N THR A 166 -2.04 0.45 21.08
CA THR A 166 -2.22 0.73 22.51
C THR A 166 -2.89 2.04 22.89
N HIS A 167 -2.41 3.15 22.34
CA HIS A 167 -2.96 4.43 22.69
C HIS A 167 -3.99 4.94 21.70
N GLY A 168 -4.41 4.09 20.77
CA GLY A 168 -5.44 4.48 19.81
C GLY A 168 -6.72 4.69 20.61
N ILE A 169 -7.55 5.67 20.23
CA ILE A 169 -8.71 5.92 21.06
C ILE A 169 -10.12 5.53 20.67
N ASN A 170 -10.62 5.94 19.51
CA ASN A 170 -11.99 5.56 19.19
C ASN A 170 -12.03 4.61 18.03
N PHE A 171 -12.16 5.17 16.83
CA PHE A 171 -12.23 4.38 15.61
C PHE A 171 -10.85 4.19 14.97
N MSE A 172 -9.86 4.92 15.45
CA MSE A 172 -8.50 4.87 14.93
C MSE A 172 -7.85 3.50 14.70
O MSE A 172 -7.32 3.22 13.62
CB MSE A 172 -7.55 5.67 15.83
CG MSE A 172 -7.57 7.15 15.63
SE MSE A 172 -6.51 7.99 17.00
CE MSE A 172 -4.83 8.22 16.02
N PRO A 173 -7.86 2.64 15.74
CA PRO A 173 -7.25 1.30 15.64
C PRO A 173 -7.60 0.48 14.40
N THR A 174 -8.88 0.11 14.27
CA THR A 174 -9.32 -0.70 13.15
C THR A 174 -9.01 -0.06 11.79
N PHE A 175 -9.25 1.25 11.67
CA PHE A 175 -8.99 1.96 10.41
C PHE A 175 -7.54 1.82 10.00
N THR A 176 -6.64 2.04 10.96
CA THR A 176 -5.20 1.96 10.72
C THR A 176 -4.77 0.54 10.47
N TYR A 177 -5.38 -0.40 11.18
CA TYR A 177 -5.07 -1.82 10.97
C TYR A 177 -5.44 -2.22 9.56
N ARG A 178 -6.59 -1.76 9.10
CA ARG A 178 -7.07 -2.07 7.76
C ARG A 178 -6.23 -1.42 6.68
N ALA A 179 -5.89 -0.15 6.87
CA ALA A 179 -5.11 0.57 5.89
C ALA A 179 -3.74 -0.07 5.76
N LEU A 180 -3.15 -0.38 6.91
CA LEU A 180 -1.82 -0.99 6.91
C LEU A 180 -1.75 -2.40 6.29
N ARG A 181 -2.73 -3.26 6.56
CA ARG A 181 -2.66 -4.60 5.98
C ARG A 181 -2.91 -4.56 4.48
N ASN A 182 -3.67 -3.57 4.03
CA ASN A 182 -3.92 -3.47 2.60
C ASN A 182 -2.60 -3.11 1.92
N LEU A 183 -1.90 -2.11 2.46
CA LEU A 183 -0.66 -1.65 1.88
C LEU A 183 0.45 -2.67 1.96
N LEU A 184 0.62 -3.29 3.11
CA LEU A 184 1.68 -4.28 3.24
C LEU A 184 1.42 -5.45 2.31
N GLY A 185 0.15 -5.74 2.09
CA GLY A 185 -0.27 -6.82 1.21
C GLY A 185 0.20 -6.62 -0.23
N LEU A 186 0.45 -5.36 -0.58
CA LEU A 186 0.92 -5.06 -1.92
C LEU A 186 2.44 -5.19 -1.95
N LEU A 187 3.09 -4.85 -0.84
CA LEU A 187 4.54 -4.95 -0.76
C LEU A 187 4.96 -6.41 -0.86
N ALA A 188 4.10 -7.31 -0.36
CA ALA A 188 4.36 -8.74 -0.35
C ALA A 188 4.38 -9.43 -1.73
N TYR A 189 4.06 -8.70 -2.79
CA TYR A 189 4.10 -9.31 -4.11
C TYR A 189 5.54 -9.50 -4.55
N LEU A 190 6.41 -8.59 -4.11
CA LEU A 190 7.81 -8.62 -4.47
C LEU A 190 8.77 -8.93 -3.33
N TYR A 191 8.47 -8.40 -2.15
CA TYR A 191 9.35 -8.57 -1.00
C TYR A 191 8.71 -9.25 0.20
N ASN A 192 9.57 -9.80 1.05
CA ASN A 192 9.14 -10.46 2.27
C ASN A 192 8.90 -9.38 3.29
N VAL A 193 7.86 -9.54 4.09
CA VAL A 193 7.53 -8.57 5.11
C VAL A 193 6.71 -9.20 6.22
N LYS A 194 7.04 -8.84 7.46
CA LYS A 194 6.33 -9.32 8.65
C LYS A 194 5.44 -8.17 9.10
N PHE A 195 4.28 -8.49 9.67
CA PHE A 195 3.32 -7.49 10.14
C PHE A 195 2.83 -7.93 11.51
N GLU A 196 3.33 -7.26 12.53
CA GLU A 196 2.92 -7.56 13.90
C GLU A 196 2.13 -6.41 14.47
N ILE A 197 1.18 -6.75 15.32
CA ILE A 197 0.37 -5.75 15.97
C ILE A 197 0.69 -5.94 17.44
N VAL A 198 0.97 -4.85 18.13
CA VAL A 198 1.24 -4.91 19.55
C VAL A 198 0.15 -4.10 20.23
N ASN A 199 -0.18 -4.48 21.45
CA ASN A 199 -1.22 -3.81 22.18
C ASN A 199 -0.99 -4.14 23.66
N SER A 200 -0.80 -3.11 24.45
CA SER A 200 -0.57 -3.28 25.87
C SER A 200 -1.89 -3.54 26.58
N GLU A 201 -1.80 -4.13 27.77
CA GLU A 201 -2.99 -4.39 28.58
C GLU A 201 -3.49 -3.02 29.05
N PRO A 202 -4.76 -2.93 29.49
CA PRO A 202 -5.40 -1.69 29.94
C PRO A 202 -4.79 -1.05 31.19
N TYR A 203 -4.73 0.28 31.21
CA TYR A 203 -4.21 1.00 32.37
C TYR A 203 -5.16 0.78 33.56
N PRO A 204 -4.63 0.33 34.70
CA PRO A 204 -5.45 0.10 35.88
C PRO A 204 -6.29 1.29 36.29
N LEU A 205 -7.61 1.11 36.28
CA LEU A 205 -8.55 2.18 36.65
C LEU A 205 -9.26 1.93 37.97
N GLY A 206 -9.71 3.01 38.60
CA GLY A 206 -10.43 2.91 39.86
C GLY A 206 -9.89 1.97 40.92
N VAL A 207 -8.57 1.91 41.09
CA VAL A 207 -7.99 1.03 42.10
C VAL A 207 -7.05 1.76 43.06
N SER A 208 -6.81 1.16 44.22
CA SER A 208 -5.94 1.75 45.22
C SER A 208 -4.52 1.93 44.67
N GLN A 209 -3.82 2.93 45.19
CA GLN A 209 -2.46 3.24 44.76
C GLN A 209 -1.54 2.04 44.95
N GLU A 210 -1.90 1.17 45.89
CA GLU A 210 -1.12 -0.02 46.19
C GLU A 210 -1.36 -1.12 45.16
N ILE A 211 -2.59 -1.26 44.70
CA ILE A 211 -2.91 -2.27 43.69
C ILE A 211 -2.41 -1.82 42.31
N ARG A 212 -2.30 -0.51 42.11
CA ARG A 212 -1.83 0.04 40.84
C ARG A 212 -0.32 -0.10 40.68
N GLU A 213 0.41 -0.13 41.78
CA GLU A 213 1.86 -0.24 41.70
C GLU A 213 2.33 -1.69 41.51
N ASP A 214 1.46 -2.65 41.84
CA ASP A 214 1.79 -4.06 41.67
C ASP A 214 1.36 -4.49 40.27
N THR A 215 0.68 -3.61 39.56
CA THR A 215 0.20 -3.90 38.21
C THR A 215 1.20 -3.50 37.14
N ILE A 216 1.68 -4.50 36.41
CA ILE A 216 2.62 -4.34 35.32
C ILE A 216 1.89 -4.72 34.03
N LEU A 217 1.81 -3.78 33.10
CA LEU A 217 1.13 -4.00 31.82
C LEU A 217 1.98 -4.70 30.77
N HIS A 218 1.46 -5.80 30.23
CA HIS A 218 2.15 -6.59 29.21
C HIS A 218 1.93 -6.08 27.79
N ILE A 219 3.00 -5.94 27.01
CA ILE A 219 2.81 -5.52 25.63
C ILE A 219 2.56 -6.85 24.93
N ARG A 220 1.38 -6.99 24.35
CA ARG A 220 0.99 -8.24 23.70
C ARG A 220 1.12 -8.18 22.20
N GLU A 221 1.54 -9.29 21.62
CA GLU A 221 1.69 -9.42 20.19
C GLU A 221 0.49 -10.20 19.68
N ILE A 222 -0.25 -9.56 18.78
CA ILE A 222 -1.46 -10.14 18.22
C ILE A 222 -1.48 -9.99 16.70
N GLY A 223 -0.29 -9.93 16.11
CA GLY A 223 -0.16 -9.79 14.67
C GLY A 223 -0.43 -11.04 13.86
N GLU A 224 -0.36 -10.91 12.54
CA GLU A 224 -0.62 -12.02 11.66
C GLU A 224 0.66 -12.71 11.18
N GLY A 225 1.80 -12.10 11.47
CA GLY A 225 3.08 -12.67 11.09
C GLY A 225 3.48 -12.42 9.65
N VAL A 226 3.86 -13.48 8.95
CA VAL A 226 4.26 -13.37 7.55
C VAL A 226 3.07 -12.89 6.72
N VAL A 227 3.29 -11.82 5.96
CA VAL A 227 2.26 -11.26 5.11
C VAL A 227 2.18 -11.99 3.77
N ARG A 228 0.97 -12.32 3.38
CA ARG A 228 0.70 -12.99 2.12
C ARG A 228 0.03 -11.94 1.25
N PRO A 229 0.43 -11.83 -0.03
CA PRO A 229 -0.21 -10.83 -0.88
C PRO A 229 -1.70 -11.18 -1.07
N ARG A 230 -2.54 -10.15 -1.14
CA ARG A 230 -3.97 -10.36 -1.30
C ARG A 230 -4.53 -9.46 -2.40
N PRO A 231 -5.26 -10.06 -3.35
CA PRO A 231 -5.87 -9.33 -4.46
C PRO A 231 -6.85 -8.30 -3.95
N GLN A 232 -6.63 -7.04 -4.32
CA GLN A 232 -7.49 -5.97 -3.90
C GLN A 232 -8.25 -5.38 -5.08
N TYR A 233 -9.54 -5.71 -5.17
CA TYR A 233 -10.41 -5.22 -6.24
C TYR A 233 -10.89 -3.82 -5.85
N SER A 234 -9.97 -2.87 -5.96
CA SER A 234 -10.23 -1.49 -5.59
C SER A 234 -9.97 -0.47 -6.70
N PRO A 235 -11.00 -0.15 -7.49
CA PRO A 235 -10.95 0.81 -8.60
C PRO A 235 -10.91 2.28 -8.19
N VAL A 236 -10.62 3.12 -9.18
CA VAL A 236 -10.58 4.57 -9.00
C VAL A 236 -11.54 5.13 -10.04
N GLU A 237 -12.74 5.52 -9.58
CA GLU A 237 -13.77 6.06 -10.46
C GLU A 237 -13.22 7.01 -11.53
N GLY A 238 -13.60 6.76 -12.79
CA GLY A 238 -13.17 7.60 -13.89
C GLY A 238 -11.73 7.44 -14.37
N LYS A 239 -11.11 6.31 -14.04
CA LYS A 239 -9.73 6.06 -14.43
C LYS A 239 -9.58 4.69 -15.05
N LEU A 240 -10.27 4.48 -16.17
CA LEU A 240 -10.28 3.21 -16.91
C LEU A 240 -8.94 2.48 -16.91
N TYR A 241 -7.94 3.12 -17.51
CA TYR A 241 -6.60 2.57 -17.62
C TYR A 241 -6.04 2.13 -16.28
N TRP A 242 -6.14 3.00 -15.28
CA TRP A 242 -5.65 2.66 -13.95
C TRP A 242 -6.35 1.37 -13.51
N ASN A 243 -7.67 1.36 -13.54
CA ASN A 243 -8.42 0.18 -13.13
C ASN A 243 -7.96 -1.06 -13.88
N ALA A 244 -7.78 -0.94 -15.18
CA ALA A 244 -7.28 -2.07 -15.98
C ALA A 244 -5.96 -2.55 -15.35
N PHE A 245 -5.10 -1.62 -14.96
CA PHE A 245 -3.84 -1.98 -14.36
C PHE A 245 -4.07 -2.58 -12.97
N ILE A 246 -5.04 -2.03 -12.26
CA ILE A 246 -5.37 -2.52 -10.93
C ILE A 246 -5.86 -3.96 -11.06
N SER A 247 -6.62 -4.21 -12.12
CA SER A 247 -7.14 -5.54 -12.34
C SER A 247 -6.00 -6.51 -12.64
N SER A 248 -4.96 -6.03 -13.32
CA SER A 248 -3.83 -6.89 -13.66
C SER A 248 -3.04 -7.31 -12.42
N VAL A 249 -2.97 -6.43 -11.42
CA VAL A 249 -2.23 -6.75 -10.21
C VAL A 249 -3.06 -7.67 -9.33
N ALA A 250 -4.38 -7.64 -9.52
CA ALA A 250 -5.30 -8.45 -8.74
C ALA A 250 -5.53 -9.83 -9.32
N ASN A 251 -5.65 -9.92 -10.63
CA ASN A 251 -5.91 -11.20 -11.30
C ASN A 251 -4.68 -11.82 -11.96
N GLY A 252 -3.70 -10.99 -12.28
CA GLY A 252 -2.49 -11.48 -12.92
C GLY A 252 -2.57 -11.45 -14.43
N PHE A 253 -2.56 -10.25 -15.00
CA PHE A 253 -2.60 -10.09 -16.44
C PHE A 253 -1.29 -9.41 -16.84
N PRO A 254 -0.27 -10.20 -17.21
CA PRO A 254 1.05 -9.68 -17.61
C PRO A 254 1.03 -8.65 -18.74
N LEU A 255 0.31 -8.94 -19.81
CA LEU A 255 0.27 -7.98 -20.92
C LEU A 255 -0.43 -6.69 -20.48
N VAL A 256 -1.51 -6.83 -19.73
CA VAL A 256 -2.26 -5.67 -19.24
C VAL A 256 -1.40 -4.86 -18.28
N PHE A 257 -0.56 -5.57 -17.51
CA PHE A 257 0.33 -4.93 -16.56
C PHE A 257 1.25 -3.94 -17.26
N ALA A 258 2.02 -4.44 -18.22
CA ALA A 258 2.97 -3.60 -18.97
C ALA A 258 2.30 -2.53 -19.83
N SER A 259 1.14 -2.86 -20.39
CA SER A 259 0.42 -1.96 -21.27
C SER A 259 -0.28 -0.76 -20.65
N PHE A 260 -0.78 -0.92 -19.42
CA PHE A 260 -1.50 0.17 -18.76
C PHE A 260 -0.81 0.65 -17.51
N TYR A 261 0.46 0.27 -17.37
CA TYR A 261 1.24 0.69 -16.24
C TYR A 261 1.04 2.20 -16.17
N PRO A 262 0.47 2.68 -15.06
CA PRO A 262 0.28 4.13 -14.98
C PRO A 262 1.60 4.80 -14.59
N ASN A 263 1.71 6.09 -14.89
CA ASN A 263 2.88 6.88 -14.55
C ASN A 263 2.62 7.33 -13.13
N ILE A 264 3.52 7.01 -12.21
CA ILE A 264 3.33 7.36 -10.81
C ILE A 264 3.01 8.84 -10.56
N ARG A 265 3.53 9.73 -11.41
CA ARG A 265 3.29 11.14 -11.22
C ARG A 265 1.88 11.50 -11.61
N ASP A 266 1.29 10.75 -12.54
CA ASP A 266 -0.08 11.01 -12.97
C ASP A 266 -1.04 10.68 -11.82
N VAL A 267 -0.70 9.68 -11.03
CA VAL A 267 -1.54 9.31 -9.90
C VAL A 267 -1.21 10.24 -8.75
N GLU A 268 0.09 10.46 -8.56
CA GLU A 268 0.57 11.34 -7.49
C GLU A 268 -0.11 12.70 -7.58
N ASP A 269 -0.33 13.18 -8.80
CA ASP A 269 -0.97 14.47 -9.00
C ASP A 269 -2.49 14.39 -8.84
N TYR A 270 -3.04 13.19 -8.98
CA TYR A 270 -4.48 12.99 -8.79
C TYR A 270 -4.72 13.12 -7.30
N LEU A 271 -3.81 12.53 -6.53
CA LEU A 271 -3.92 12.56 -5.09
C LEU A 271 -3.80 14.01 -4.64
N ASN A 272 -2.79 14.71 -5.14
CA ASN A 272 -2.58 16.11 -4.77
C ASN A 272 -3.80 16.98 -5.02
N LYS A 273 -4.38 16.87 -6.20
CA LYS A 273 -5.56 17.67 -6.52
C LYS A 273 -6.78 17.31 -5.63
N LYS A 274 -7.07 16.02 -5.49
CA LYS A 274 -8.19 15.59 -4.67
C LYS A 274 -7.96 16.00 -3.21
N LEU A 275 -6.71 15.92 -2.77
CA LEU A 275 -6.37 16.29 -1.41
C LEU A 275 -6.52 17.79 -1.17
N GLU A 276 -6.12 18.58 -2.15
CA GLU A 276 -6.20 20.03 -2.02
C GLU A 276 -7.67 20.43 -1.94
N GLU A 277 -8.49 19.77 -2.76
CA GLU A 277 -9.92 20.07 -2.78
C GLU A 277 -10.60 19.70 -1.46
N PHE A 278 -9.93 18.85 -0.68
CA PHE A 278 -10.45 18.38 0.60
C PHE A 278 -10.10 19.36 1.73
N LEU A 279 -8.83 19.73 1.80
CA LEU A 279 -8.35 20.64 2.83
C LEU A 279 -9.05 22.00 2.77
N VAL A 280 -9.27 22.46 1.56
CA VAL A 280 -9.92 23.74 1.32
C VAL A 280 -11.37 23.76 1.78
N GLY A 281 -11.95 22.57 1.93
CA GLY A 281 -13.32 22.50 2.35
C GLY A 281 -13.42 22.54 3.86
N ILE A 282 -12.26 22.57 4.51
CA ILE A 282 -12.18 22.58 5.96
C ILE A 282 -12.30 23.94 6.60
N GLU A 283 -13.49 24.24 7.13
CA GLU A 283 -13.72 25.51 7.78
C GLU A 283 -13.10 25.52 9.18
N VAL A 284 -12.40 26.61 9.49
CA VAL A 284 -11.78 26.73 10.81
C VAL A 284 -12.38 27.95 11.51
N GLY A 285 -13.27 27.69 12.46
CA GLY A 285 -13.92 28.78 13.17
C GLY A 285 -13.73 28.92 14.67
N GLU A 286 -14.86 29.03 15.38
CA GLU A 286 -14.81 29.23 16.82
C GLU A 286 -16.15 28.88 17.50
N ARG A 287 -16.11 28.03 18.53
CA ARG A 287 -17.30 27.62 19.26
C ARG A 287 -17.84 28.74 20.15
N GLU A 288 -18.99 28.49 20.73
CA GLU A 288 -19.64 29.43 21.64
C GLU A 288 -18.66 29.79 22.77
N ASP A 289 -17.96 28.77 23.27
CA ASP A 289 -17.03 28.95 24.38
C ASP A 289 -15.62 29.40 24.01
N GLY A 290 -15.46 30.02 22.84
CA GLY A 290 -14.16 30.51 22.42
C GLY A 290 -13.17 29.51 21.82
N LYS A 291 -13.42 28.22 22.02
CA LYS A 291 -12.52 27.18 21.53
C LYS A 291 -12.54 27.04 20.01
N PRO A 292 -11.52 26.35 19.44
CA PRO A 292 -11.42 26.15 17.99
C PRO A 292 -12.56 25.27 17.47
N TYR A 293 -13.03 25.55 16.26
CA TYR A 293 -14.14 24.79 15.65
C TYR A 293 -13.78 24.38 14.23
N VAL A 294 -13.28 23.16 14.06
CA VAL A 294 -12.90 22.65 12.74
C VAL A 294 -14.05 21.90 12.09
N LYS A 295 -14.54 22.40 10.95
CA LYS A 295 -15.66 21.79 10.25
C LYS A 295 -15.34 21.43 8.80
N ARG A 296 -15.25 20.13 8.50
CA ARG A 296 -14.96 19.69 7.13
C ARG A 296 -16.26 19.63 6.29
N GLU A 297 -16.36 20.49 5.29
CA GLU A 297 -17.55 20.50 4.46
C GLU A 297 -17.38 19.67 3.21
N LYS A 298 -16.18 19.12 3.05
CA LYS A 298 -15.85 18.26 1.92
C LYS A 298 -15.33 16.97 2.50
N ALA A 299 -15.55 15.85 1.81
CA ALA A 299 -15.09 14.56 2.32
C ALA A 299 -14.28 13.83 1.27
N LEU A 300 -13.41 12.94 1.72
CA LEU A 300 -12.60 12.14 0.82
C LEU A 300 -13.45 10.90 0.46
N ASP A 301 -13.25 10.36 -0.73
CA ASP A 301 -13.98 9.15 -1.12
C ASP A 301 -13.04 7.95 -1.25
N ARG A 302 -13.63 6.76 -1.39
CA ARG A 302 -12.85 5.54 -1.51
C ARG A 302 -11.89 5.52 -2.69
N SER A 303 -12.16 6.32 -3.72
CA SER A 303 -11.26 6.38 -4.86
C SER A 303 -9.94 6.99 -4.39
N PHE A 304 -10.00 7.94 -3.47
CA PHE A 304 -8.81 8.58 -2.94
C PHE A 304 -8.00 7.53 -2.21
N LYS A 305 -8.71 6.58 -1.59
CA LYS A 305 -8.08 5.49 -0.85
C LYS A 305 -7.47 4.50 -1.83
N ASN A 306 -8.27 4.11 -2.83
CA ASN A 306 -7.79 3.18 -3.81
C ASN A 306 -6.62 3.79 -4.58
N ALA A 307 -6.73 5.07 -4.90
CA ALA A 307 -5.67 5.78 -5.60
C ALA A 307 -4.39 5.69 -4.78
N SER A 308 -4.52 5.95 -3.48
CA SER A 308 -3.39 5.91 -2.55
C SER A 308 -2.77 4.54 -2.53
N LYS A 309 -3.62 3.53 -2.67
CA LYS A 309 -3.16 2.15 -2.68
C LYS A 309 -2.35 1.95 -3.95
N LEU A 310 -2.91 2.40 -5.07
CA LEU A 310 -2.24 2.31 -6.36
C LEU A 310 -0.87 3.01 -6.25
N TYR A 311 -0.86 4.15 -5.57
CA TYR A 311 0.36 4.91 -5.37
C TYR A 311 1.44 4.05 -4.69
N TYR A 312 1.08 3.33 -3.65
CA TYR A 312 2.05 2.48 -2.98
C TYR A 312 2.47 1.27 -3.81
N ALA A 313 1.53 0.69 -4.56
CA ALA A 313 1.85 -0.45 -5.39
C ALA A 313 2.91 -0.05 -6.39
N LEU A 314 2.72 1.10 -7.03
CA LEU A 314 3.67 1.61 -8.01
C LEU A 314 5.05 1.87 -7.40
N ARG A 315 5.09 2.24 -6.12
CA ARG A 315 6.39 2.49 -5.50
C ARG A 315 7.10 1.16 -5.29
N VAL A 316 6.30 0.12 -5.07
CA VAL A 316 6.84 -1.21 -4.88
C VAL A 316 7.30 -1.76 -6.23
N PHE A 317 6.46 -1.62 -7.24
CA PHE A 317 6.79 -2.12 -8.57
C PHE A 317 7.86 -1.28 -9.26
N ASN A 318 7.86 0.03 -9.06
CA ASN A 318 8.85 0.85 -9.72
C ASN A 318 10.29 0.52 -9.32
N THR A 319 10.46 -0.27 -8.29
CA THR A 319 11.82 -0.61 -7.90
C THR A 319 12.30 -1.80 -8.73
N LYS A 320 11.45 -2.24 -9.67
CA LYS A 320 11.78 -3.37 -10.54
C LYS A 320 11.37 -3.19 -12.00
N PHE A 321 10.56 -2.18 -12.29
CA PHE A 321 10.10 -1.94 -13.64
C PHE A 321 10.13 -0.44 -13.91
N GLN A 322 10.90 -0.04 -14.93
CA GLN A 322 11.03 1.36 -15.27
C GLN A 322 10.74 1.65 -16.74
N ASN A 323 10.69 0.60 -17.54
CA ASN A 323 10.45 0.72 -18.97
C ASN A 323 8.97 0.73 -19.31
N TYR A 324 8.12 0.75 -18.29
CA TYR A 324 6.68 0.72 -18.51
C TYR A 324 6.02 2.05 -18.17
N PRO A 325 4.87 2.34 -18.77
CA PRO A 325 4.08 1.57 -19.75
C PRO A 325 4.78 1.28 -21.07
N LYS A 326 4.53 0.08 -21.61
CA LYS A 326 5.10 -0.37 -22.87
C LYS A 326 3.98 -1.08 -23.65
N LYS A 327 3.69 -0.59 -24.85
CA LYS A 327 2.63 -1.17 -25.68
C LYS A 327 3.05 -2.42 -26.44
N GLU A 328 4.34 -2.53 -26.76
CA GLU A 328 4.84 -3.68 -27.49
C GLU A 328 5.93 -4.35 -26.65
N VAL A 329 5.54 -5.37 -25.89
CA VAL A 329 6.46 -6.09 -25.00
C VAL A 329 6.85 -7.47 -25.52
N PRO A 330 8.13 -7.83 -25.39
CA PRO A 330 8.68 -9.13 -25.83
C PRO A 330 8.40 -10.19 -24.79
N ILE A 331 8.47 -11.45 -25.20
CA ILE A 331 8.21 -12.57 -24.31
C ILE A 331 9.11 -12.57 -23.06
N GLU A 332 10.27 -11.91 -23.16
CA GLU A 332 11.19 -11.86 -22.02
C GLU A 332 10.63 -11.08 -20.86
N GLU A 333 10.02 -9.94 -21.16
CA GLU A 333 9.47 -9.11 -20.10
C GLU A 333 8.18 -9.71 -19.58
N ILE A 334 7.48 -10.45 -20.44
CA ILE A 334 6.25 -11.08 -20.01
C ILE A 334 6.59 -12.09 -18.91
N MSE A 335 7.75 -12.70 -19.01
CA MSE A 335 8.18 -13.66 -18.01
C MSE A 335 8.54 -12.96 -16.70
O MSE A 335 8.24 -13.45 -15.61
CB MSE A 335 9.38 -14.44 -18.50
CG MSE A 335 9.12 -15.28 -19.74
SE MSE A 335 10.76 -16.08 -20.36
CE MSE A 335 11.16 -17.15 -18.78
N GLU A 336 9.18 -11.80 -16.81
CA GLU A 336 9.56 -11.02 -15.64
C GLU A 336 8.29 -10.68 -14.88
N ILE A 337 7.37 -10.03 -15.58
CA ILE A 337 6.10 -9.62 -15.05
C ILE A 337 5.39 -10.84 -14.44
N SER A 338 5.38 -11.96 -15.16
CA SER A 338 4.74 -13.15 -14.65
C SER A 338 5.37 -13.65 -13.34
N LYS A 339 6.67 -13.48 -13.19
CA LYS A 339 7.37 -13.93 -11.99
C LYS A 339 6.94 -13.18 -10.72
N ILE A 340 6.16 -12.12 -10.88
CA ILE A 340 5.70 -11.37 -9.74
C ILE A 340 4.64 -12.13 -8.95
N PHE A 341 3.74 -12.79 -9.66
CA PHE A 341 2.67 -13.50 -9.02
C PHE A 341 3.09 -14.81 -8.40
N GLU A 342 4.39 -15.09 -8.43
CA GLU A 342 4.89 -16.31 -7.81
C GLU A 342 4.48 -16.24 -6.34
N SER A 343 4.34 -15.01 -5.84
CA SER A 343 3.96 -14.81 -4.44
C SER A 343 2.56 -15.35 -4.17
N LEU A 344 1.68 -15.30 -5.18
CA LEU A 344 0.32 -15.82 -5.04
C LEU A 344 0.29 -17.11 -5.88
N PRO A 345 0.82 -18.21 -5.33
CA PRO A 345 0.89 -19.53 -5.97
C PRO A 345 -0.18 -19.89 -7.01
N ARG A 346 -1.45 -19.82 -6.62
CA ARG A 346 -2.55 -20.19 -7.52
C ARG A 346 -2.49 -19.46 -8.86
N ILE A 347 -2.18 -18.17 -8.84
CA ILE A 347 -2.11 -17.39 -10.06
C ILE A 347 -0.77 -17.57 -10.79
N GLY A 348 0.32 -17.56 -10.04
CA GLY A 348 1.63 -17.72 -10.65
C GLY A 348 1.75 -19.03 -11.39
N ILE A 349 1.17 -20.08 -10.82
CA ILE A 349 1.19 -21.41 -11.42
C ILE A 349 0.34 -21.41 -12.69
N ILE A 350 -0.70 -20.60 -12.69
CA ILE A 350 -1.55 -20.51 -13.86
C ILE A 350 -0.77 -19.81 -14.96
N LEU A 351 -0.01 -18.80 -14.57
CA LEU A 351 0.79 -18.05 -15.53
C LEU A 351 1.98 -18.84 -16.09
N GLU A 352 2.70 -19.55 -15.22
CA GLU A 352 3.86 -20.35 -15.65
C GLU A 352 3.55 -21.20 -16.89
N ARG A 353 2.43 -21.92 -16.87
CA ARG A 353 2.06 -22.74 -18.01
C ARG A 353 1.75 -21.84 -19.19
N GLN A 354 0.79 -20.94 -19.00
CA GLN A 354 0.39 -20.02 -20.06
C GLN A 354 1.55 -19.23 -20.64
N VAL A 355 2.51 -18.90 -19.80
CA VAL A 355 3.67 -18.15 -20.28
C VAL A 355 4.68 -19.02 -21.01
N GLU A 356 4.90 -20.24 -20.54
CA GLU A 356 5.84 -21.13 -21.22
C GLU A 356 5.33 -21.38 -22.64
N TRP A 357 4.02 -21.55 -22.76
CA TRP A 357 3.38 -21.76 -24.06
C TRP A 357 3.77 -20.61 -24.99
N LEU A 358 3.65 -19.38 -24.49
CA LEU A 358 4.00 -18.19 -25.27
C LEU A 358 5.49 -18.11 -25.55
N ARG A 359 6.30 -18.78 -24.74
CA ARG A 359 7.75 -18.77 -24.95
C ARG A 359 8.02 -19.77 -26.06
N ASN A 360 7.18 -20.80 -26.12
CA ASN A 360 7.30 -21.84 -27.12
C ASN A 360 6.95 -21.30 -28.50
N LEU A 361 5.99 -20.39 -28.55
CA LEU A 361 5.61 -19.80 -29.84
C LEU A 361 6.84 -19.17 -30.47
N VAL A 362 7.51 -18.33 -29.71
CA VAL A 362 8.67 -17.60 -30.17
C VAL A 362 9.90 -18.47 -30.45
N TYR A 363 10.14 -19.49 -29.62
CA TYR A 363 11.32 -20.33 -29.77
C TYR A 363 11.13 -21.75 -30.29
N GLY A 364 9.94 -22.30 -30.09
CA GLY A 364 9.67 -23.66 -30.51
C GLY A 364 9.56 -24.51 -29.27
N ARG A 365 8.96 -25.70 -29.40
CA ARG A 365 8.80 -26.58 -28.25
C ARG A 365 9.59 -27.89 -28.34
N LEU A 366 10.58 -28.05 -27.47
CA LEU A 366 11.40 -29.26 -27.44
C LEU A 366 10.98 -30.07 -26.22
N TRP A 367 10.40 -31.25 -26.45
CA TRP A 367 9.94 -32.11 -25.36
C TRP A 367 10.07 -33.60 -25.71
N TYR A 368 9.79 -34.47 -24.73
CA TYR A 368 9.88 -35.91 -24.94
C TYR A 368 8.61 -36.70 -24.60
N GLU A 369 8.33 -37.72 -25.40
CA GLU A 369 7.17 -38.59 -25.20
C GLU A 369 7.64 -40.04 -25.31
N ASN A 370 7.71 -40.73 -24.18
CA ASN A 370 8.15 -42.12 -24.14
C ASN A 370 9.52 -42.34 -24.77
N GLY A 371 10.54 -41.74 -24.16
CA GLY A 371 11.88 -41.88 -24.66
C GLY A 371 12.07 -41.26 -26.03
N GLU A 372 10.98 -41.07 -26.78
CA GLU A 372 11.08 -40.48 -28.11
C GLU A 372 11.35 -38.98 -28.02
N GLN A 373 11.78 -38.39 -29.13
CA GLN A 373 12.17 -36.98 -29.15
C GLN A 373 11.52 -36.06 -30.18
N LYS A 374 10.33 -35.55 -29.89
CA LYS A 374 9.62 -34.65 -30.81
C LYS A 374 9.86 -33.16 -30.55
N ILE A 375 9.78 -32.35 -31.60
CA ILE A 375 10.00 -30.90 -31.52
C ILE A 375 9.23 -30.10 -32.58
N LYS A 376 9.02 -28.81 -32.30
CA LYS A 376 8.34 -27.88 -33.19
C LYS A 376 9.10 -26.55 -33.18
N LYS A 377 9.02 -25.79 -34.27
CA LYS A 377 9.73 -24.52 -34.38
C LYS A 377 8.83 -23.32 -34.05
N GLY A 378 9.45 -22.19 -33.71
CA GLY A 378 8.68 -21.00 -33.36
C GLY A 378 8.75 -19.89 -34.40
N LEU A 379 8.01 -18.81 -34.17
CA LEU A 379 7.99 -17.68 -35.10
C LEU A 379 9.41 -17.27 -35.46
N LEU A 380 10.32 -17.41 -34.50
CA LEU A 380 11.71 -17.05 -34.69
C LEU A 380 12.33 -17.77 -35.89
N GLU A 381 12.26 -19.10 -35.85
CA GLU A 381 12.82 -19.93 -36.92
C GLU A 381 12.08 -19.74 -38.26
N ILE A 382 10.76 -19.82 -38.23
CA ILE A 382 9.97 -19.65 -39.44
C ILE A 382 10.35 -18.37 -40.20
N ILE A 383 10.68 -17.32 -39.47
CA ILE A 383 11.05 -16.05 -40.09
C ILE A 383 12.42 -16.11 -40.77
N LYS A 384 13.29 -16.98 -40.27
CA LYS A 384 14.61 -17.15 -40.84
C LYS A 384 14.56 -18.00 -42.11
N ASP A 385 13.89 -19.15 -42.03
CA ASP A 385 13.75 -20.06 -43.17
C ASP A 385 13.17 -19.35 -44.39
N LYS A 386 14.03 -19.13 -45.38
CA LYS A 386 13.67 -18.42 -46.60
C LYS A 386 12.62 -19.13 -47.46
N LYS A 387 12.41 -20.43 -47.23
CA LYS A 387 11.46 -21.21 -48.01
C LYS A 387 9.98 -21.02 -47.65
N ASP A 388 9.67 -20.86 -46.37
CA ASP A 388 8.28 -20.70 -45.93
C ASP A 388 7.55 -19.58 -46.68
N LYS A 389 6.54 -19.96 -47.47
CA LYS A 389 5.77 -19.02 -48.27
C LYS A 389 4.35 -18.82 -47.75
N ARG A 390 4.04 -19.40 -46.59
CA ARG A 390 2.71 -19.25 -46.00
C ARG A 390 2.48 -17.76 -45.74
N LYS A 391 1.35 -17.24 -46.24
CA LYS A 391 0.99 -15.82 -46.11
C LYS A 391 1.22 -15.18 -44.74
N GLU A 392 1.04 -15.97 -43.68
CA GLU A 392 1.23 -15.47 -42.33
C GLU A 392 2.71 -15.18 -42.07
N ALA A 393 3.56 -16.14 -42.41
CA ALA A 393 5.01 -16.00 -42.25
C ALA A 393 5.47 -14.94 -43.24
N GLU A 394 4.73 -14.80 -44.33
CA GLU A 394 5.08 -13.80 -45.34
C GLU A 394 4.88 -12.44 -44.70
N ALA A 395 3.66 -12.18 -44.24
CA ALA A 395 3.32 -10.91 -43.59
C ALA A 395 4.24 -10.66 -42.41
N LEU A 396 4.47 -11.68 -41.60
CA LEU A 396 5.32 -11.54 -40.44
C LEU A 396 6.74 -11.17 -40.83
N LYS A 397 7.26 -11.83 -41.86
CA LYS A 397 8.62 -11.57 -42.33
C LYS A 397 8.79 -10.12 -42.79
N LYS A 398 7.73 -9.52 -43.31
CA LYS A 398 7.78 -8.12 -43.77
C LYS A 398 7.66 -7.15 -42.58
N GLY A 399 7.27 -7.68 -41.42
CA GLY A 399 7.10 -6.85 -40.24
C GLY A 399 5.65 -6.45 -40.09
N LYS A 400 4.76 -7.17 -40.78
CA LYS A 400 3.33 -6.89 -40.69
C LYS A 400 2.76 -7.53 -39.43
N THR A 401 1.73 -6.91 -38.88
CA THR A 401 1.09 -7.36 -37.65
C THR A 401 0.27 -8.62 -37.82
N ILE A 402 0.54 -9.61 -36.98
CA ILE A 402 -0.18 -10.88 -37.02
C ILE A 402 -0.83 -11.20 -35.68
N SER A 403 -2.04 -11.76 -35.74
CA SER A 403 -2.83 -12.14 -34.56
C SER A 403 -2.18 -13.27 -33.78
N LEU A 404 -2.60 -13.46 -32.52
CA LEU A 404 -2.03 -14.53 -31.71
C LEU A 404 -2.56 -15.87 -32.21
N ALA A 405 -3.73 -15.84 -32.81
CA ALA A 405 -4.33 -17.05 -33.36
C ALA A 405 -3.57 -17.39 -34.62
N GLU A 406 -3.31 -16.37 -35.44
CA GLU A 406 -2.57 -16.56 -36.68
C GLU A 406 -1.20 -17.14 -36.32
N ALA A 407 -0.69 -16.76 -35.15
CA ALA A 407 0.62 -17.24 -34.69
C ALA A 407 0.51 -18.70 -34.27
N ALA A 408 -0.67 -19.07 -33.79
CA ALA A 408 -0.91 -20.45 -33.36
C ALA A 408 -0.95 -21.36 -34.58
N LYS A 409 -1.34 -20.81 -35.72
CA LYS A 409 -1.43 -21.58 -36.95
C LYS A 409 -0.08 -21.85 -37.61
N LEU A 410 0.78 -20.84 -37.69
CA LEU A 410 2.10 -21.03 -38.31
C LEU A 410 2.93 -22.09 -37.58
N THR A 411 2.51 -22.49 -36.39
CA THR A 411 3.18 -23.50 -35.59
C THR A 411 2.08 -24.34 -34.93
N ARG A 412 2.32 -24.90 -33.73
CA ARG A 412 1.27 -25.65 -33.03
C ARG A 412 1.00 -25.09 -31.62
N ILE A 413 -0.28 -25.05 -31.25
CA ILE A 413 -0.69 -24.50 -29.97
C ILE A 413 -1.91 -25.17 -29.35
N SER A 426 -16.39 -20.09 -25.48
CA SER A 426 -17.52 -19.54 -24.73
C SER A 426 -17.92 -18.15 -25.22
N PRO A 427 -19.16 -17.72 -24.91
CA PRO A 427 -19.67 -16.41 -25.30
C PRO A 427 -19.56 -15.37 -24.17
N ASN A 428 -18.81 -15.70 -23.13
CA ASN A 428 -18.59 -14.79 -22.00
C ASN A 428 -17.14 -14.30 -22.13
N VAL A 429 -16.96 -13.11 -22.68
CA VAL A 429 -15.64 -12.56 -22.89
C VAL A 429 -14.82 -12.35 -21.61
N VAL A 430 -15.47 -11.90 -20.55
CA VAL A 430 -14.75 -11.65 -19.31
C VAL A 430 -14.16 -12.95 -18.77
N ARG A 431 -14.98 -13.99 -18.66
CA ARG A 431 -14.47 -15.27 -18.15
C ARG A 431 -13.28 -15.75 -18.94
N ASN A 432 -13.45 -15.85 -20.26
CA ASN A 432 -12.36 -16.32 -21.12
C ASN A 432 -11.13 -15.44 -20.93
N PHE A 433 -11.35 -14.13 -20.86
CA PHE A 433 -10.26 -13.19 -20.67
C PHE A 433 -9.53 -13.49 -19.35
N ILE A 434 -10.30 -13.80 -18.30
CA ILE A 434 -9.72 -14.15 -17.00
C ILE A 434 -8.97 -15.48 -17.15
N ALA A 435 -9.63 -16.44 -17.76
CA ALA A 435 -9.05 -17.76 -17.98
C ALA A 435 -7.71 -17.68 -18.70
N HIS A 436 -7.68 -16.92 -19.78
CA HIS A 436 -6.49 -16.76 -20.59
C HIS A 436 -5.47 -15.78 -20.03
N SER A 437 -5.75 -15.22 -18.86
CA SER A 437 -4.85 -14.25 -18.23
C SER A 437 -4.67 -13.01 -19.10
N GLY A 438 -5.71 -12.64 -19.82
CA GLY A 438 -5.64 -11.47 -20.69
C GLY A 438 -5.06 -11.77 -22.07
N PHE A 439 -4.58 -12.99 -22.28
CA PHE A 439 -4.00 -13.41 -23.55
C PHE A 439 -5.01 -14.02 -24.53
N GLU A 440 -5.96 -13.21 -24.99
CA GLU A 440 -6.97 -13.67 -25.95
C GLU A 440 -6.38 -13.69 -27.37
N TYR A 441 -6.57 -14.80 -28.07
CA TYR A 441 -6.07 -14.96 -29.42
C TYR A 441 -6.75 -13.99 -30.37
N ASN A 442 -7.88 -13.43 -29.95
CA ASN A 442 -8.63 -12.49 -30.78
C ASN A 442 -7.99 -11.10 -30.76
N ILE A 443 -7.59 -10.65 -29.58
CA ILE A 443 -7.02 -9.32 -29.39
C ILE A 443 -5.53 -9.17 -29.15
N VAL A 444 -4.84 -10.25 -28.84
CA VAL A 444 -3.38 -10.15 -28.65
C VAL A 444 -2.68 -10.39 -29.99
N TYR A 445 -1.86 -9.44 -30.42
CA TYR A 445 -1.14 -9.56 -31.68
C TYR A 445 0.37 -9.70 -31.49
N VAL A 446 1.04 -10.10 -32.57
CA VAL A 446 2.49 -10.29 -32.60
C VAL A 446 3.06 -9.46 -33.75
N LYS A 447 4.30 -9.02 -33.61
CA LYS A 447 4.95 -8.23 -34.64
C LYS A 447 6.45 -8.47 -34.55
N TYR A 448 7.09 -8.73 -35.68
CA TYR A 448 8.53 -8.96 -35.66
C TYR A 448 9.29 -7.72 -36.13
N ASP A 449 10.24 -7.26 -35.31
CA ASP A 449 11.03 -6.09 -35.66
C ASP A 449 12.46 -6.53 -35.94
N ARG A 450 12.92 -6.30 -37.16
CA ARG A 450 14.25 -6.70 -37.57
C ARG A 450 15.40 -5.89 -36.96
N LEU A 451 15.16 -4.63 -36.62
CA LEU A 451 16.22 -3.82 -36.04
C LEU A 451 16.60 -4.29 -34.65
N SER A 452 15.58 -4.61 -33.85
CA SER A 452 15.79 -5.08 -32.49
C SER A 452 15.93 -6.59 -32.51
N ASP A 453 15.37 -7.20 -33.54
CA ASP A 453 15.39 -8.65 -33.73
C ASP A 453 14.60 -9.34 -32.61
N ARG A 454 13.33 -8.98 -32.45
CA ARG A 454 12.51 -9.58 -31.41
C ARG A 454 11.02 -9.63 -31.74
N LEU A 455 10.33 -10.59 -31.15
CA LEU A 455 8.89 -10.73 -31.33
C LEU A 455 8.21 -9.94 -30.23
N TYR A 456 7.28 -9.08 -30.60
CA TYR A 456 6.57 -8.27 -29.63
C TYR A 456 5.07 -8.62 -29.59
N PHE A 457 4.51 -8.66 -28.39
CA PHE A 457 3.09 -8.94 -28.19
C PHE A 457 2.45 -7.62 -27.81
N PHE A 458 1.23 -7.37 -28.26
CA PHE A 458 0.58 -6.13 -27.94
C PHE A 458 -0.94 -6.21 -28.13
N TYR A 459 -1.65 -5.26 -27.51
CA TYR A 459 -3.09 -5.17 -27.62
C TYR A 459 -3.38 -4.20 -28.77
N LYS A 460 -3.95 -4.71 -29.85
CA LYS A 460 -4.26 -3.88 -30.99
C LYS A 460 -5.37 -2.92 -30.60
N ASP A 461 -6.37 -3.43 -29.91
CA ASP A 461 -7.47 -2.61 -29.46
C ASP A 461 -7.20 -2.17 -28.01
N LYS A 462 -6.54 -1.03 -27.85
CA LYS A 462 -6.20 -0.50 -26.53
C LYS A 462 -7.46 -0.39 -25.65
N GLU A 463 -8.47 0.32 -26.12
CA GLU A 463 -9.71 0.50 -25.37
C GLU A 463 -10.42 -0.76 -24.87
N LYS A 464 -10.63 -1.72 -25.76
CA LYS A 464 -11.34 -2.94 -25.38
C LYS A 464 -10.53 -3.88 -24.49
N ALA A 465 -9.21 -3.78 -24.56
CA ALA A 465 -8.38 -4.61 -23.70
C ALA A 465 -8.56 -4.10 -22.28
N ALA A 466 -8.55 -2.78 -22.13
CA ALA A 466 -8.72 -2.15 -20.83
C ALA A 466 -10.11 -2.39 -20.24
N ASN A 467 -11.15 -2.29 -21.06
CA ASN A 467 -12.50 -2.50 -20.59
C ASN A 467 -12.68 -3.96 -20.12
N LEU A 468 -12.23 -4.90 -20.93
CA LEU A 468 -12.32 -6.33 -20.57
C LEU A 468 -11.58 -6.58 -19.26
N ALA A 469 -10.44 -5.89 -19.11
CA ALA A 469 -9.62 -6.02 -17.91
C ALA A 469 -10.39 -5.44 -16.73
N TYR A 470 -10.81 -4.20 -16.90
CA TYR A 470 -11.57 -3.52 -15.87
C TYR A 470 -12.73 -4.39 -15.42
N GLU A 471 -13.49 -4.90 -16.38
CA GLU A 471 -14.64 -5.73 -16.08
C GLU A 471 -14.26 -6.93 -15.20
N ALA A 472 -13.09 -7.50 -15.45
CA ALA A 472 -12.61 -8.67 -14.70
C ALA A 472 -12.21 -8.35 -13.26
N LEU A 473 -12.36 -7.09 -12.87
CA LEU A 473 -12.06 -6.66 -11.52
C LEU A 473 -13.36 -6.63 -10.73
N LEU A 474 -14.44 -6.28 -11.44
CA LEU A 474 -15.77 -6.18 -10.85
C LEU A 474 -16.53 -7.51 -10.97
N TYR A 475 -15.98 -8.42 -11.76
CA TYR A 475 -16.60 -9.72 -12.02
C TYR A 475 -16.75 -10.67 -10.82
N ARG A 476 -17.91 -11.33 -10.74
CA ARG A 476 -18.21 -12.26 -9.67
C ARG A 476 -18.99 -13.47 -10.19
N GLY A 477 -18.45 -14.66 -9.97
CA GLY A 477 -19.12 -15.86 -10.44
C GLY A 477 -20.55 -16.03 -9.94
N GLU A 478 -21.25 -17.05 -10.45
CA GLU A 478 -22.63 -17.30 -10.07
C GLU A 478 -22.78 -18.45 -9.08
N LYS A 479 -23.60 -18.22 -8.04
CA LYS A 479 -23.85 -19.22 -7.01
C LYS A 479 -25.34 -19.47 -6.85
N GLU A 480 -26.10 -18.38 -6.72
CA GLU A 480 -27.55 -18.44 -6.57
C GLU A 480 -28.19 -17.20 -7.17
ZN ZN B . -26.98 26.45 21.82
ZN ZN C . -11.30 -19.34 -25.05
ZN ZN D . -19.49 26.78 4.68
S SO4 E . -10.84 -1.63 1.57
O1 SO4 E . -11.30 -0.76 2.66
O2 SO4 E . -10.10 -2.76 2.15
O3 SO4 E . -12.00 -2.12 0.81
O4 SO4 E . -9.96 -0.88 0.66
#